data_4Q2S
#
_entry.id   4Q2S
#
_cell.length_a   47.330
_cell.length_b   77.840
_cell.length_c   36.510
_cell.angle_alpha   90.00
_cell.angle_beta   90.00
_cell.angle_gamma   90.00
#
_symmetry.space_group_name_H-M   'P 21 21 2'
#
loop_
_entity.id
_entity.type
_entity.pdbx_description
1 polymer 'PDC1 GE1 DOMAIN'
2 water water
#
_entity_poly.entity_id   1
_entity_poly.type   'polypeptide(L)'
_entity_poly.pdbx_seq_one_letter_code
;GAMGAQGIAESLRRLKEYVKAGSVKECVAEWCNMPSVAGFDVLSEISYDRMLENCSNLLLLTFIYHISLLDSVDDDRLSK
RMEYISRICLNIDVNDPKVETVVHPVLTLTREALLRQSEFFSPIFKRRLVVLLRALDGKISEI
;
_entity_poly.pdbx_strand_id   A
#
# COMPACT_ATOMS: atom_id res chain seq x y z
N ILE A 8 14.71 -12.19 5.34
CA ILE A 8 13.57 -12.35 4.39
C ILE A 8 12.87 -13.71 4.57
N ALA A 9 13.66 -14.77 4.68
CA ALA A 9 13.11 -16.13 4.68
C ALA A 9 12.31 -16.45 5.93
N GLU A 10 12.80 -16.03 7.10
CA GLU A 10 12.05 -16.20 8.35
C GLU A 10 10.69 -15.52 8.20
N SER A 11 10.69 -14.29 7.68
CA SER A 11 9.47 -13.52 7.53
C SER A 11 8.44 -14.16 6.58
N LEU A 12 8.92 -14.66 5.43
CA LEU A 12 8.04 -15.36 4.48
C LEU A 12 7.25 -16.48 5.16
N ARG A 13 7.95 -17.23 6.01
CA ARG A 13 7.35 -18.37 6.71
C ARG A 13 6.19 -17.88 7.60
N ARG A 14 6.43 -16.82 8.38
CA ARG A 14 5.37 -16.22 9.22
C ARG A 14 4.18 -15.72 8.38
N LEU A 15 4.46 -15.00 7.28
CA LEU A 15 3.41 -14.48 6.40
C LEU A 15 2.54 -15.58 5.86
N LYS A 16 3.18 -16.63 5.35
CA LYS A 16 2.44 -17.78 4.80
C LYS A 16 1.46 -18.34 5.84
N GLU A 17 1.86 -18.40 7.11
CA GLU A 17 1.00 -18.98 8.13
C GLU A 17 -0.13 -18.02 8.53
N TYR A 18 0.16 -16.73 8.53
CA TYR A 18 -0.87 -15.73 8.82
C TYR A 18 -1.94 -15.73 7.72
N VAL A 19 -1.55 -15.87 6.45
CA VAL A 19 -2.54 -15.93 5.38
C VAL A 19 -3.47 -17.14 5.58
N LYS A 20 -2.89 -18.30 5.90
CA LYS A 20 -3.66 -19.53 6.09
C LYS A 20 -4.65 -19.41 7.26
N ALA A 21 -4.21 -18.78 8.34
CA ALA A 21 -5.04 -18.60 9.53
C ALA A 21 -6.07 -17.48 9.37
N GLY A 22 -5.91 -16.64 8.35
CA GLY A 22 -6.75 -15.47 8.15
C GLY A 22 -6.40 -14.32 9.09
N SER A 23 -5.15 -14.28 9.55
CA SER A 23 -4.71 -13.25 10.48
C SER A 23 -4.27 -12.04 9.66
N VAL A 24 -5.23 -11.25 9.24
CA VAL A 24 -5.00 -10.16 8.28
C VAL A 24 -4.09 -9.07 8.81
N LYS A 25 -4.42 -8.49 9.96
CA LYS A 25 -3.59 -7.42 10.53
C LYS A 25 -2.15 -7.91 10.68
N GLU A 26 -2.03 -9.15 11.14
CA GLU A 26 -0.71 -9.73 11.37
C GLU A 26 0.05 -9.86 10.06
N CYS A 27 -0.65 -10.22 8.98
CA CYS A 27 -0.04 -10.34 7.65
CA CYS A 27 0.01 -10.34 7.70
C CYS A 27 0.55 -8.99 7.22
N VAL A 28 -0.27 -7.96 7.32
CA VAL A 28 0.11 -6.62 6.86
C VAL A 28 1.28 -6.08 7.70
N ALA A 29 1.19 -6.23 9.03
CA ALA A 29 2.22 -5.74 9.93
C ALA A 29 3.53 -6.46 9.73
N GLU A 30 3.45 -7.78 9.55
CA GLU A 30 4.63 -8.57 9.24
C GLU A 30 5.32 -8.08 7.95
N TRP A 31 4.56 -7.91 6.88
CA TRP A 31 5.13 -7.43 5.62
C TRP A 31 5.73 -6.02 5.75
N CYS A 32 5.04 -5.13 6.44
CA CYS A 32 5.56 -3.78 6.61
C CYS A 32 6.92 -3.77 7.33
N ASN A 33 7.11 -4.75 8.22
CA ASN A 33 8.38 -4.85 8.96
C ASN A 33 9.48 -5.46 8.08
N MET A 34 9.07 -6.23 7.08
CA MET A 34 10.01 -6.92 6.19
C MET A 34 9.45 -6.87 4.77
N PRO A 35 9.50 -5.68 4.16
CA PRO A 35 8.72 -5.48 2.93
C PRO A 35 9.39 -6.00 1.65
N SER A 36 9.57 -7.31 1.56
CA SER A 36 10.24 -7.93 0.43
C SER A 36 9.25 -8.11 -0.73
N VAL A 37 9.81 -8.29 -1.90
CA VAL A 37 9.00 -8.56 -3.08
C VAL A 37 8.30 -9.91 -2.95
N ALA A 38 9.04 -10.94 -2.52
CA ALA A 38 8.47 -12.27 -2.30
C ALA A 38 7.36 -12.23 -1.25
N GLY A 39 7.58 -11.49 -0.17
CA GLY A 39 6.55 -11.32 0.84
C GLY A 39 5.32 -10.62 0.30
N PHE A 40 5.50 -9.62 -0.56
CA PHE A 40 4.38 -8.91 -1.15
C PHE A 40 3.48 -9.86 -1.94
N ASP A 41 4.12 -10.80 -2.65
CA ASP A 41 3.38 -11.75 -3.46
C ASP A 41 2.52 -12.69 -2.58
N VAL A 42 3.04 -13.07 -1.40
CA VAL A 42 2.25 -13.89 -0.44
C VAL A 42 1.08 -13.05 0.12
N LEU A 43 1.38 -11.81 0.51
CA LEU A 43 0.39 -10.93 1.11
C LEU A 43 -0.74 -10.63 0.13
N SER A 44 -0.39 -10.60 -1.16
CA SER A 44 -1.32 -10.21 -2.21
C SER A 44 -2.52 -11.14 -2.37
N GLU A 45 -2.49 -12.30 -1.69
CA GLU A 45 -3.65 -13.19 -1.55
C GLU A 45 -4.78 -12.59 -0.71
N ILE A 46 -4.47 -11.56 0.09
CA ILE A 46 -5.46 -10.91 0.95
C ILE A 46 -6.01 -9.69 0.23
N SER A 47 -7.31 -9.69 -0.02
CA SER A 47 -7.94 -8.58 -0.75
C SER A 47 -8.01 -7.32 0.12
N TYR A 48 -7.99 -6.16 -0.53
CA TYR A 48 -7.92 -4.89 0.20
C TYR A 48 -9.06 -4.71 1.19
N ASP A 49 -10.25 -5.24 0.89
CA ASP A 49 -11.42 -5.03 1.78
C ASP A 49 -11.24 -5.67 3.16
N ARG A 50 -10.59 -6.84 3.19
CA ARG A 50 -10.21 -7.50 4.44
C ARG A 50 -9.22 -6.65 5.22
N MET A 51 -8.28 -6.02 4.52
CA MET A 51 -7.33 -5.15 5.17
C MET A 51 -8.06 -3.98 5.82
N LEU A 52 -9.01 -3.40 5.11
CA LEU A 52 -9.73 -2.22 5.65
C LEU A 52 -10.54 -2.54 6.90
N GLU A 53 -11.00 -3.79 7.01
CA GLU A 53 -11.83 -4.26 8.14
C GLU A 53 -10.99 -4.59 9.35
N ASN A 54 -9.72 -4.88 9.14
CA ASN A 54 -8.87 -5.43 10.18
C ASN A 54 -7.70 -4.58 10.64
N CYS A 55 -7.37 -3.54 9.88
CA CYS A 55 -6.15 -2.76 10.15
C CYS A 55 -6.49 -1.34 10.57
N SER A 56 -5.72 -0.82 11.53
CA SER A 56 -5.82 0.57 11.93
C SER A 56 -5.40 1.49 10.81
N ASN A 57 -5.85 2.73 10.90
CA ASN A 57 -5.44 3.72 9.93
C ASN A 57 -3.93 3.94 9.89
N LEU A 58 -3.26 3.95 11.05
CA LEU A 58 -1.81 4.01 11.07
C LEU A 58 -1.17 2.87 10.30
N LEU A 59 -1.67 1.66 10.54
CA LEU A 59 -1.13 0.49 9.81
C LEU A 59 -1.39 0.59 8.31
N LEU A 60 -2.57 1.02 7.90
CA LEU A 60 -2.91 1.16 6.48
C LEU A 60 -1.99 2.20 5.81
N LEU A 61 -1.65 3.26 6.53
CA LEU A 61 -0.74 4.29 5.96
C LEU A 61 0.68 3.72 5.90
N THR A 62 1.10 2.97 6.91
CA THR A 62 2.38 2.30 6.88
C THR A 62 2.42 1.38 5.62
N PHE A 63 1.32 0.66 5.38
CA PHE A 63 1.25 -0.28 4.24
C PHE A 63 1.39 0.46 2.91
N ILE A 64 0.59 1.49 2.64
CA ILE A 64 0.70 2.13 1.30
C ILE A 64 2.06 2.81 1.12
N TYR A 65 2.65 3.36 2.18
CA TYR A 65 4.00 3.88 2.11
C TYR A 65 4.98 2.80 1.70
N HIS A 66 4.92 1.65 2.36
CA HIS A 66 5.80 0.54 1.96
C HIS A 66 5.54 0.02 0.56
N ILE A 67 4.27 0.00 0.14
CA ILE A 67 3.99 -0.44 -1.24
C ILE A 67 4.65 0.56 -2.19
N SER A 68 4.59 1.86 -1.91
CA SER A 68 5.12 2.88 -2.83
C SER A 68 6.64 2.77 -3.04
N LEU A 69 7.35 2.22 -2.06
CA LEU A 69 8.80 2.04 -2.11
C LEU A 69 9.25 0.71 -2.73
N LEU A 70 8.35 -0.25 -2.84
CA LEU A 70 8.72 -1.60 -3.28
C LEU A 70 9.37 -1.59 -4.69
N ASP A 71 10.55 -2.21 -4.82
CA ASP A 71 11.36 -2.07 -6.03
C ASP A 71 11.01 -3.13 -7.07
N SER A 72 9.76 -3.10 -7.50
CA SER A 72 9.31 -3.94 -8.57
C SER A 72 8.28 -3.19 -9.41
N VAL A 73 8.52 -3.19 -10.72
CA VAL A 73 7.64 -2.57 -11.67
C VAL A 73 7.05 -3.55 -12.69
N ASP A 74 7.19 -4.85 -12.42
CA ASP A 74 6.52 -5.91 -13.20
C ASP A 74 5.03 -5.58 -13.35
N ASP A 75 4.47 -5.67 -14.57
CA ASP A 75 3.07 -5.26 -14.78
C ASP A 75 2.10 -5.87 -13.75
N ASP A 76 2.12 -7.18 -13.56
CA ASP A 76 1.09 -7.78 -12.68
C ASP A 76 1.29 -7.34 -11.25
N ARG A 77 2.55 -7.29 -10.79
CA ARG A 77 2.83 -6.84 -9.43
C ARG A 77 2.49 -5.36 -9.25
N LEU A 78 2.83 -4.54 -10.23
CA LEU A 78 2.53 -3.11 -10.15
C LEU A 78 1.02 -2.90 -10.13
N SER A 79 0.28 -3.72 -10.87
CA SER A 79 -1.18 -3.64 -10.83
C SER A 79 -1.71 -3.77 -9.42
N LYS A 80 -1.20 -4.77 -8.70
CA LYS A 80 -1.61 -5.00 -7.30
C LYS A 80 -1.15 -3.84 -6.42
N ARG A 81 0.09 -3.38 -6.61
CA ARG A 81 0.61 -2.24 -5.86
C ARG A 81 -0.32 -1.03 -5.98
N MET A 82 -0.65 -0.69 -7.22
CA MET A 82 -1.50 0.47 -7.46
C MET A 82 -2.95 0.27 -6.95
N GLU A 83 -3.48 -0.95 -7.04
CA GLU A 83 -4.84 -1.20 -6.58
C GLU A 83 -4.94 -1.04 -5.06
N TYR A 84 -3.96 -1.57 -4.33
CA TYR A 84 -3.96 -1.39 -2.89
C TYR A 84 -3.89 0.09 -2.52
N ILE A 85 -2.98 0.82 -3.15
CA ILE A 85 -2.84 2.24 -2.84
C ILE A 85 -4.14 3.00 -3.16
N SER A 86 -4.70 2.76 -4.32
CA SER A 86 -5.92 3.46 -4.73
C SER A 86 -7.06 3.22 -3.73
N ARG A 87 -7.30 1.95 -3.43
CA ARG A 87 -8.45 1.60 -2.56
C ARG A 87 -8.24 2.14 -1.16
N ILE A 88 -7.04 1.99 -0.65
CA ILE A 88 -6.82 2.48 0.71
C ILE A 88 -6.93 3.99 0.76
N CYS A 89 -6.36 4.68 -0.21
N CYS A 89 -6.33 4.64 -0.24
CA CYS A 89 -6.44 6.13 -0.11
CA CYS A 89 -6.41 6.08 -0.35
C CYS A 89 -7.86 6.62 -0.36
C CYS A 89 -7.84 6.54 -0.33
N LEU A 90 -8.66 5.92 -1.17
CA LEU A 90 -10.08 6.34 -1.30
C LEU A 90 -10.90 6.07 -0.04
N ASN A 91 -10.50 5.03 0.72
CA ASN A 91 -11.27 4.62 1.89
CA ASN A 91 -11.22 4.61 1.92
C ASN A 91 -10.85 5.35 3.18
N ILE A 92 -9.58 5.70 3.27
CA ILE A 92 -9.06 6.19 4.52
C ILE A 92 -9.67 7.54 4.96
N ASP A 93 -9.98 7.63 6.25
CA ASP A 93 -10.50 8.84 6.83
C ASP A 93 -9.33 9.73 7.24
N VAL A 94 -9.04 10.73 6.39
CA VAL A 94 -7.87 11.58 6.63
C VAL A 94 -8.11 12.53 7.82
N ASN A 95 -9.34 12.56 8.31
CA ASN A 95 -9.66 13.37 9.50
C ASN A 95 -9.61 12.57 10.82
N ASP A 96 -9.17 11.32 10.79
CA ASP A 96 -8.97 10.54 12.01
C ASP A 96 -7.87 11.17 12.85
N PRO A 97 -8.19 11.59 14.10
CA PRO A 97 -7.12 12.26 14.88
C PRO A 97 -5.88 11.38 15.15
N LYS A 98 -6.05 10.07 15.11
CA LYS A 98 -4.95 9.14 15.42
C LYS A 98 -3.85 9.22 14.38
N VAL A 99 -4.17 9.73 13.19
CA VAL A 99 -3.16 9.85 12.12
C VAL A 99 -2.87 11.31 11.74
N GLU A 100 -3.31 12.26 12.56
CA GLU A 100 -3.20 13.66 12.20
C GLU A 100 -1.76 14.14 12.01
N THR A 101 -0.78 13.52 12.69
CA THR A 101 0.59 13.98 12.57
C THR A 101 1.39 13.24 11.51
N VAL A 102 0.72 12.30 10.82
CA VAL A 102 1.38 11.56 9.74
C VAL A 102 0.67 11.59 8.39
N VAL A 103 -0.64 11.87 8.33
CA VAL A 103 -1.34 11.60 7.12
C VAL A 103 -0.85 12.46 5.94
N HIS A 104 -0.61 13.73 6.17
CA HIS A 104 -0.14 14.61 5.10
C HIS A 104 1.26 14.20 4.59
N PRO A 105 2.27 14.09 5.47
CA PRO A 105 3.54 13.68 4.93
C PRO A 105 3.51 12.29 4.31
N VAL A 106 2.69 11.34 4.80
CA VAL A 106 2.68 10.01 4.19
C VAL A 106 2.11 10.02 2.81
N LEU A 107 0.99 10.71 2.61
CA LEU A 107 0.45 10.84 1.25
C LEU A 107 1.44 11.54 0.29
N THR A 108 2.18 12.53 0.79
CA THR A 108 3.16 13.25 -0.01
C THR A 108 4.31 12.32 -0.40
N LEU A 109 4.78 11.52 0.54
CA LEU A 109 5.90 10.63 0.27
C LEU A 109 5.48 9.50 -0.66
N THR A 110 4.27 9.02 -0.50
CA THR A 110 3.70 7.95 -1.35
C THR A 110 3.67 8.44 -2.80
N ARG A 111 3.14 9.63 -3.01
N ARG A 111 3.12 9.64 -3.02
CA ARG A 111 3.06 10.19 -4.36
CA ARG A 111 3.06 10.27 -4.37
C ARG A 111 4.48 10.34 -4.95
C ARG A 111 4.46 10.34 -4.94
N GLU A 112 5.39 10.87 -4.16
CA GLU A 112 6.76 11.10 -4.64
C GLU A 112 7.48 9.81 -4.95
N ALA A 113 7.24 8.78 -4.15
CA ALA A 113 7.84 7.48 -4.39
C ALA A 113 7.42 6.82 -5.70
N LEU A 114 6.14 6.94 -6.00
CA LEU A 114 5.62 6.38 -7.23
C LEU A 114 6.15 7.19 -8.39
N LEU A 115 6.20 8.51 -8.26
CA LEU A 115 6.73 9.32 -9.37
C LEU A 115 8.20 9.01 -9.64
N ARG A 116 8.97 8.76 -8.58
CA ARG A 116 10.39 8.42 -8.76
C ARG A 116 10.62 7.14 -9.54
N GLN A 117 9.65 6.22 -9.55
CA GLN A 117 9.75 4.97 -10.30
C GLN A 117 9.14 5.05 -11.69
N SER A 118 8.36 6.09 -11.92
CA SER A 118 7.42 6.12 -13.07
C SER A 118 8.06 6.08 -14.45
N GLU A 119 9.30 6.50 -14.58
CA GLU A 119 9.96 6.40 -15.88
C GLU A 119 10.07 4.93 -16.32
N PHE A 120 10.05 4.00 -15.38
CA PHE A 120 10.25 2.58 -15.66
C PHE A 120 8.97 1.76 -15.73
N PHE A 121 7.84 2.45 -15.57
CA PHE A 121 6.53 1.81 -15.71
C PHE A 121 6.26 1.63 -17.20
N SER A 122 5.62 0.54 -17.56
CA SER A 122 5.15 0.37 -18.91
C SER A 122 4.07 1.44 -19.19
N PRO A 123 3.78 1.71 -20.46
CA PRO A 123 2.79 2.76 -20.78
C PRO A 123 1.40 2.58 -20.13
N ILE A 124 0.97 1.34 -19.95
CA ILE A 124 -0.28 1.05 -19.26
C ILE A 124 -0.26 1.70 -17.88
N PHE A 125 0.84 1.51 -17.16
CA PHE A 125 0.91 1.97 -15.78
C PHE A 125 1.37 3.43 -15.65
N LYS A 126 2.04 3.98 -16.67
CA LYS A 126 2.25 5.45 -16.71
C LYS A 126 0.90 6.16 -16.75
N ARG A 127 0.01 5.67 -17.60
CA ARG A 127 -1.34 6.22 -17.66
C ARG A 127 -2.13 5.96 -16.38
N ARG A 128 -2.02 4.73 -15.84
CA ARG A 128 -2.75 4.42 -14.60
C ARG A 128 -2.28 5.26 -13.43
N LEU A 129 -0.99 5.59 -13.39
CA LEU A 129 -0.47 6.46 -12.35
C LEU A 129 -1.11 7.84 -12.36
N VAL A 130 -1.41 8.40 -13.53
CA VAL A 130 -2.00 9.75 -13.59
C VAL A 130 -3.32 9.75 -12.80
N VAL A 131 -4.08 8.67 -12.98
CA VAL A 131 -5.34 8.48 -12.30
C VAL A 131 -5.12 8.32 -10.79
N LEU A 132 -4.15 7.49 -10.43
CA LEU A 132 -3.86 7.27 -9.02
C LEU A 132 -3.40 8.55 -8.35
N LEU A 133 -2.56 9.34 -9.03
CA LEU A 133 -2.08 10.59 -8.47
C LEU A 133 -3.24 11.56 -8.22
N ARG A 134 -4.23 11.55 -9.10
CA ARG A 134 -5.38 12.43 -8.92
C ARG A 134 -6.12 12.07 -7.60
N ALA A 135 -6.23 10.77 -7.35
CA ALA A 135 -6.92 10.26 -6.16
C ALA A 135 -6.11 10.65 -4.91
N LEU A 136 -4.80 10.43 -4.92
CA LEU A 136 -3.96 10.82 -3.79
C LEU A 136 -4.02 12.34 -3.53
N ASP A 137 -3.91 13.12 -4.59
CA ASP A 137 -4.01 14.58 -4.49
C ASP A 137 -5.36 15.01 -3.93
N GLY A 138 -6.43 14.31 -4.31
CA GLY A 138 -7.76 14.62 -3.75
C GLY A 138 -7.80 14.43 -2.25
N LYS A 139 -7.16 13.37 -1.77
CA LYS A 139 -7.09 13.14 -0.33
C LYS A 139 -6.24 14.22 0.37
N ILE A 140 -5.14 14.62 -0.24
CA ILE A 140 -4.31 15.68 0.33
C ILE A 140 -5.09 16.99 0.37
N SER A 141 -5.95 17.18 -0.63
CA SER A 141 -6.84 18.34 -0.67
C SER A 141 -7.83 18.41 0.47
N GLU A 142 -8.36 17.27 0.91
CA GLU A 142 -9.20 17.28 2.11
C GLU A 142 -8.37 17.76 3.31
N ILE A 143 -7.11 17.33 3.37
CA ILE A 143 -6.17 17.68 4.47
C ILE A 143 -4.87 16.87 4.37
#